data_7OCB
#
_entry.id   7OCB
#
_cell.length_a   115.477
_cell.length_b   115.477
_cell.length_c   43.721
_cell.angle_alpha   90.000
_cell.angle_beta   90.000
_cell.angle_gamma   90.000
#
_symmetry.space_group_name_H-M   'P 43 21 2'
#
loop_
_entity.id
_entity.type
_entity.pdbx_description
1 polymer Spindlin-1
2 non-polymer 7-[3-(1,3-dihydroisoindol-2-yl)propoxy]-2N-[2-(dimethylamino)ethyl]-6-methoxy-4N-(1-propan-2-ylpiperidin-4-yl)quinazoline-2,4-diamine
3 non-polymer 'PHOSPHATE ION'
4 non-polymer (4S)-2-METHYL-2,4-PENTANEDIOL
5 non-polymer 'CHLORIDE ION'
6 non-polymer GLYCINE
7 non-polymer 'SODIUM ION'
8 water water
#
_entity_poly.entity_id   1
_entity_poly.type   'polypeptide(L)'
_entity_poly.pdbx_seq_one_letter_code
;MPRRNIVGCRIQHGWKEGNGPVTQWKGTVLDQVPVNPSLYLIKYDGFDCVYGLELNKDERVSALEVLPDRVATSRISDAH
LADTMIGKAVEHMFETEDGSKDEWRGMVLARAPVMNTWFYITYEKDPVLYMYQLLDDYKEGDLRIMPDSNDSPPAEREPG
EVVDSLVGKQVEYAKEDGSKRTGMVIHQVEAKPSVYFIKFDDDFHIYVYDLVKTSAENLYFQ
;
_entity_poly.pdbx_strand_id   B
#
# COMPACT_ATOMS: atom_id res chain seq x y z
N ASN A 5 4.35 17.39 -10.30
CA ASN A 5 4.29 16.02 -10.79
C ASN A 5 2.83 15.55 -10.73
N ILE A 6 2.63 14.24 -10.91
CA ILE A 6 1.29 13.69 -10.90
C ILE A 6 0.85 13.18 -9.52
N VAL A 7 1.68 13.39 -8.48
CA VAL A 7 1.25 13.02 -7.12
C VAL A 7 0.06 13.86 -6.73
N GLY A 8 -0.95 13.20 -6.15
CA GLY A 8 -2.18 13.84 -5.74
C GLY A 8 -3.23 13.86 -6.83
N CYS A 9 -2.87 13.44 -8.02
CA CYS A 9 -3.81 13.46 -9.13
C CYS A 9 -4.51 12.13 -9.20
N ARG A 10 -5.69 12.14 -9.82
CA ARG A 10 -6.33 10.92 -10.25
C ARG A 10 -5.88 10.64 -11.69
N ILE A 11 -5.72 9.34 -11.98
CA ILE A 11 -5.22 8.91 -13.27
C ILE A 11 -6.07 7.76 -13.79
N GLN A 12 -6.02 7.56 -15.10
CA GLN A 12 -6.55 6.35 -15.67
C GLN A 12 -5.57 5.83 -16.72
N HIS A 13 -5.54 4.50 -16.90
CA HIS A 13 -4.67 3.92 -17.90
C HIS A 13 -5.15 2.51 -18.24
N GLY A 14 -4.72 2.06 -19.39
CA GLY A 14 -4.85 0.67 -19.75
C GLY A 14 -3.72 -0.16 -19.19
N TRP A 15 -3.98 -1.46 -19.09
CA TRP A 15 -3.00 -2.43 -18.58
C TRP A 15 -3.10 -3.68 -19.44
N LYS A 16 -1.93 -4.18 -19.87
CA LYS A 16 -1.88 -5.36 -20.74
C LYS A 16 -0.69 -6.19 -20.33
N GLU A 17 -0.90 -7.45 -20.04
CA GLU A 17 0.19 -8.37 -19.71
C GLU A 17 0.32 -9.36 -20.85
N GLY A 18 1.47 -9.35 -21.50
CA GLY A 18 1.67 -10.32 -22.56
C GLY A 18 0.72 -10.06 -23.70
N ASN A 19 0.09 -11.13 -24.18
N ASN A 19 0.09 -11.14 -24.20
CA ASN A 19 -0.89 -11.04 -25.24
CA ASN A 19 -0.91 -11.07 -25.27
C ASN A 19 -2.32 -11.02 -24.69
C ASN A 19 -2.32 -10.91 -24.72
N GLY A 20 -2.45 -10.72 -23.42
CA GLY A 20 -3.75 -10.66 -22.78
C GLY A 20 -4.53 -9.43 -23.19
N PRO A 21 -5.79 -9.38 -22.78
CA PRO A 21 -6.58 -8.20 -23.11
C PRO A 21 -6.17 -6.98 -22.28
N VAL A 22 -6.51 -5.81 -22.81
CA VAL A 22 -6.28 -4.56 -22.11
C VAL A 22 -7.44 -4.33 -21.16
N THR A 23 -7.10 -4.07 -19.92
CA THR A 23 -8.09 -3.69 -18.91
C THR A 23 -7.84 -2.24 -18.52
N GLN A 24 -8.91 -1.57 -18.11
CA GLN A 24 -8.90 -0.13 -17.81
C GLN A 24 -8.95 0.10 -16.32
N TRP A 25 -8.15 1.04 -15.83
CA TRP A 25 -7.96 1.26 -14.41
C TRP A 25 -8.02 2.74 -14.10
N LYS A 26 -8.63 3.08 -12.99
CA LYS A 26 -8.68 4.44 -12.44
C LYS A 26 -8.17 4.42 -11.02
N GLY A 27 -7.39 5.43 -10.66
CA GLY A 27 -6.79 5.45 -9.33
C GLY A 27 -6.26 6.81 -8.97
N THR A 28 -5.59 6.84 -7.81
CA THR A 28 -5.09 8.04 -7.20
C THR A 28 -3.60 7.86 -6.93
N VAL A 29 -2.79 8.79 -7.39
CA VAL A 29 -1.34 8.74 -7.17
C VAL A 29 -1.05 9.25 -5.76
N LEU A 30 -0.51 8.38 -4.92
CA LEU A 30 -0.23 8.69 -3.51
C LEU A 30 1.15 9.25 -3.25
N ASP A 31 2.16 8.82 -4.01
CA ASP A 31 3.54 9.08 -3.61
C ASP A 31 4.42 8.85 -4.81
N GLN A 32 5.44 9.68 -4.93
CA GLN A 32 6.59 9.46 -5.83
C GLN A 32 7.75 9.13 -4.91
N VAL A 33 8.26 7.91 -4.98
CA VAL A 33 9.20 7.38 -3.98
C VAL A 33 10.52 8.13 -4.03
N PRO A 34 10.95 8.78 -2.93
CA PRO A 34 12.21 9.56 -2.96
C PRO A 34 13.42 8.77 -3.47
N VAL A 35 13.58 7.51 -3.04
CA VAL A 35 14.77 6.76 -3.43
C VAL A 35 14.65 6.21 -4.84
N ASN A 36 13.49 6.31 -5.46
CA ASN A 36 13.33 5.89 -6.85
C ASN A 36 12.21 6.69 -7.44
N PRO A 37 12.50 7.89 -7.92
CA PRO A 37 11.47 8.81 -8.44
C PRO A 37 10.71 8.30 -9.62
N SER A 38 11.10 7.20 -10.25
CA SER A 38 10.30 6.59 -11.31
C SER A 38 9.13 5.82 -10.72
N LEU A 39 9.22 5.44 -9.45
CA LEU A 39 8.23 4.60 -8.81
C LEU A 39 7.14 5.43 -8.14
N TYR A 40 5.92 5.21 -8.56
CA TYR A 40 4.73 5.82 -7.97
C TYR A 40 3.92 4.79 -7.23
N LEU A 41 3.44 5.17 -6.05
CA LEU A 41 2.47 4.37 -5.32
C LEU A 41 1.07 4.87 -5.63
N ILE A 42 0.20 3.92 -5.96
CA ILE A 42 -1.13 4.21 -6.52
C ILE A 42 -2.18 3.40 -5.77
N LYS A 43 -3.32 4.05 -5.48
CA LYS A 43 -4.49 3.36 -4.96
C LYS A 43 -5.53 3.34 -6.06
N TYR A 44 -5.87 2.15 -6.52
CA TYR A 44 -6.91 2.02 -7.55
C TYR A 44 -8.29 1.98 -6.91
N ASP A 45 -9.24 2.64 -7.56
CA ASP A 45 -10.60 2.71 -7.05
C ASP A 45 -11.13 1.31 -6.82
N GLY A 46 -11.59 1.06 -5.59
CA GLY A 46 -12.22 -0.20 -5.23
C GLY A 46 -11.27 -1.35 -4.93
N PHE A 47 -9.97 -1.18 -5.07
CA PHE A 47 -8.98 -2.22 -4.79
C PHE A 47 -8.19 -1.78 -3.56
N ASP A 48 -8.00 -2.69 -2.62
CA ASP A 48 -7.56 -2.32 -1.29
C ASP A 48 -6.04 -2.25 -1.13
N CYS A 49 -5.27 -2.89 -1.99
CA CYS A 49 -3.83 -2.82 -1.87
C CYS A 49 -3.25 -1.56 -2.45
N VAL A 50 -2.09 -1.17 -1.96
CA VAL A 50 -1.30 -0.10 -2.58
C VAL A 50 -0.36 -0.73 -3.60
N TYR A 51 -0.38 -0.19 -4.80
CA TYR A 51 0.43 -0.70 -5.89
C TYR A 51 1.56 0.26 -6.24
N GLY A 52 2.70 -0.30 -6.64
CA GLY A 52 3.80 0.50 -7.13
C GLY A 52 4.11 0.18 -8.58
N LEU A 53 4.13 1.22 -9.41
CA LEU A 53 4.46 1.10 -10.83
C LEU A 53 5.50 2.14 -11.19
N GLU A 54 6.46 1.72 -12.00
CA GLU A 54 7.43 2.64 -12.59
C GLU A 54 6.80 3.10 -13.90
N LEU A 55 5.92 4.12 -13.79
CA LEU A 55 5.06 4.48 -14.92
C LEU A 55 5.87 4.87 -16.16
N ASN A 56 7.05 5.47 -15.99
CA ASN A 56 7.80 5.97 -17.14
C ASN A 56 8.47 4.88 -17.97
N LYS A 57 8.46 3.64 -17.51
CA LYS A 57 9.15 2.56 -18.17
C LYS A 57 8.36 1.28 -18.26
N ASP A 58 7.20 1.17 -17.61
CA ASP A 58 6.47 -0.09 -17.61
C ASP A 58 5.60 -0.16 -18.85
N GLU A 59 5.99 -1.04 -19.77
CA GLU A 59 5.32 -1.07 -21.06
C GLU A 59 3.93 -1.70 -20.97
N ARG A 60 3.58 -2.27 -19.81
CA ARG A 60 2.21 -2.77 -19.61
C ARG A 60 1.21 -1.64 -19.48
N VAL A 61 1.66 -0.42 -19.18
CA VAL A 61 0.80 0.74 -19.02
C VAL A 61 0.61 1.38 -20.38
N SER A 62 -0.63 1.70 -20.74
CA SER A 62 -0.93 2.41 -21.97
C SER A 62 -1.90 3.55 -21.69
N ALA A 63 -1.86 4.54 -22.55
CA ALA A 63 -2.87 5.59 -22.56
C ALA A 63 -3.02 6.23 -21.19
N LEU A 64 -1.91 6.58 -20.55
CA LEU A 64 -1.94 7.18 -19.23
C LEU A 64 -2.49 8.58 -19.33
N GLU A 65 -3.51 8.88 -18.53
N GLU A 65 -3.55 8.86 -18.58
CA GLU A 65 -4.17 10.18 -18.59
CA GLU A 65 -4.22 10.16 -18.59
C GLU A 65 -4.49 10.66 -17.18
C GLU A 65 -4.37 10.63 -17.14
N VAL A 66 -4.33 11.95 -16.98
CA VAL A 66 -4.70 12.59 -15.74
C VAL A 66 -6.19 12.91 -15.82
N LEU A 67 -6.93 12.47 -14.84
CA LEU A 67 -8.35 12.71 -14.73
C LEU A 67 -8.62 14.11 -14.18
N PRO A 68 -9.76 14.68 -14.58
CA PRO A 68 -10.10 16.04 -14.19
C PRO A 68 -10.80 16.13 -12.86
N ASP A 69 -11.15 15.00 -12.25
CA ASP A 69 -11.80 15.05 -10.95
C ASP A 69 -10.72 15.05 -9.87
N ARG A 70 -10.96 15.82 -8.81
CA ARG A 70 -9.94 16.00 -7.78
C ARG A 70 -10.12 14.99 -6.65
N VAL A 71 -9.00 14.63 -6.04
CA VAL A 71 -9.00 13.78 -4.85
C VAL A 71 -9.80 14.48 -3.75
N ALA A 72 -10.62 13.71 -3.05
CA ALA A 72 -11.30 14.25 -1.87
C ALA A 72 -10.26 14.74 -0.87
N THR A 73 -10.36 16.00 -0.48
CA THR A 73 -9.38 16.59 0.45
C THR A 73 -10.01 17.15 1.73
N SER A 74 -11.21 16.69 2.06
CA SER A 74 -11.90 17.14 3.27
N ILE A 76 -10.06 14.66 7.78
CA ILE A 76 -10.31 13.57 8.72
C ILE A 76 -11.27 14.02 9.82
N SER A 77 -12.21 13.14 10.16
CA SER A 77 -13.28 13.51 11.09
C SER A 77 -12.78 13.63 12.52
N ASP A 78 -11.75 12.85 12.90
CA ASP A 78 -11.28 12.78 14.29
C ASP A 78 -9.78 12.51 14.25
N ALA A 79 -9.00 13.58 14.06
CA ALA A 79 -7.56 13.45 13.96
C ALA A 79 -6.96 12.83 15.22
N HIS A 80 -7.53 13.11 16.39
CA HIS A 80 -6.98 12.54 17.62
C HIS A 80 -7.19 11.03 17.67
N LEU A 81 -8.40 10.57 17.38
CA LEU A 81 -8.65 9.13 17.30
C LEU A 81 -7.75 8.49 16.25
N ALA A 82 -7.67 9.12 15.08
CA ALA A 82 -6.79 8.61 14.03
C ALA A 82 -5.38 8.48 14.56
N ASP A 83 -4.87 9.55 15.18
CA ASP A 83 -3.50 9.53 15.70
C ASP A 83 -3.29 8.32 16.59
N THR A 84 -4.26 8.00 17.42
CA THR A 84 -4.06 6.93 18.40
C THR A 84 -4.03 5.57 17.75
N MET A 85 -4.57 5.42 16.54
CA MET A 85 -4.58 4.12 15.89
C MET A 85 -3.21 3.75 15.34
N ILE A 86 -2.34 4.74 15.10
CA ILE A 86 -1.11 4.49 14.37
C ILE A 86 -0.16 3.65 15.21
N GLY A 87 0.33 2.58 14.63
CA GLY A 87 1.21 1.67 15.35
C GLY A 87 0.51 0.60 16.16
N LYS A 88 -0.81 0.61 16.21
CA LYS A 88 -1.56 -0.33 17.04
C LYS A 88 -1.78 -1.67 16.33
N ALA A 89 -1.69 -2.75 17.10
CA ALA A 89 -2.21 -4.02 16.64
C ALA A 89 -3.73 -3.96 16.64
N VAL A 90 -4.32 -4.51 15.59
CA VAL A 90 -5.77 -4.48 15.43
C VAL A 90 -6.30 -5.84 14.98
N GLU A 91 -7.58 -6.04 15.23
CA GLU A 91 -8.36 -7.07 14.58
C GLU A 91 -9.40 -6.40 13.68
N HIS A 92 -9.34 -6.71 12.40
CA HIS A 92 -10.13 -6.02 11.38
C HIS A 92 -11.17 -6.99 10.81
N MET A 93 -12.45 -6.76 11.14
N MET A 93 -12.44 -6.76 11.15
CA MET A 93 -13.53 -7.61 10.67
CA MET A 93 -13.53 -7.61 10.67
C MET A 93 -14.04 -7.12 9.33
C MET A 93 -14.03 -7.11 9.33
N PHE A 94 -14.53 -8.04 8.51
CA PHE A 94 -15.02 -7.69 7.18
C PHE A 94 -16.06 -8.72 6.75
N GLU A 95 -16.91 -8.30 5.83
CA GLU A 95 -18.03 -9.13 5.37
C GLU A 95 -17.53 -10.05 4.25
N THR A 96 -18.08 -11.27 4.21
CA THR A 96 -17.60 -12.25 3.23
C THR A 96 -18.67 -12.54 2.16
N GLU A 97 -18.24 -13.27 1.13
CA GLU A 97 -19.13 -13.62 0.03
C GLU A 97 -20.46 -14.17 0.52
N ASP A 98 -20.41 -15.04 1.53
CA ASP A 98 -21.59 -15.72 2.05
C ASP A 98 -22.37 -14.91 3.08
N GLY A 99 -22.01 -13.66 3.32
CA GLY A 99 -22.73 -12.84 4.28
C GLY A 99 -22.23 -12.93 5.72
N SER A 100 -21.44 -13.94 6.05
CA SER A 100 -20.79 -13.95 7.36
C SER A 100 -19.60 -12.99 7.35
N LYS A 101 -19.15 -12.64 8.54
CA LYS A 101 -17.93 -11.87 8.72
C LYS A 101 -16.75 -12.77 9.09
N ASP A 102 -15.57 -12.33 8.69
CA ASP A 102 -14.31 -12.95 9.07
C ASP A 102 -13.45 -11.81 9.62
N GLU A 103 -12.22 -12.13 10.05
CA GLU A 103 -11.34 -11.08 10.55
C GLU A 103 -9.92 -11.45 10.21
N TRP A 104 -9.11 -10.42 10.02
CA TRP A 104 -7.67 -10.53 9.94
C TRP A 104 -7.06 -9.63 10.99
N ARG A 105 -6.02 -10.12 11.63
CA ARG A 105 -5.23 -9.30 12.55
C ARG A 105 -4.05 -8.68 11.84
N GLY A 106 -3.74 -7.45 12.21
CA GLY A 106 -2.67 -6.72 11.58
C GLY A 106 -2.24 -5.54 12.41
N MET A 107 -1.60 -4.58 11.74
CA MET A 107 -0.97 -3.45 12.38
C MET A 107 -1.23 -2.22 11.53
N VAL A 108 -1.73 -1.16 12.18
CA VAL A 108 -1.89 0.14 11.54
C VAL A 108 -0.51 0.77 11.42
N LEU A 109 -0.12 1.14 10.22
CA LEU A 109 1.25 1.58 9.95
C LEU A 109 1.38 3.10 9.96
N ALA A 110 0.46 3.82 9.36
CA ALA A 110 0.62 5.25 9.12
C ALA A 110 -0.68 5.77 8.52
N ARG A 111 -0.90 7.09 8.63
CA ARG A 111 -1.84 7.75 7.75
C ARG A 111 -1.33 7.72 6.31
N ALA A 112 -2.23 7.49 5.36
CA ALA A 112 -1.83 7.52 3.96
C ALA A 112 -1.56 8.94 3.50
N PRO A 113 -0.59 9.14 2.60
CA PRO A 113 -0.50 10.43 1.93
C PRO A 113 -1.66 10.61 0.97
N VAL A 114 -1.94 11.89 0.68
CA VAL A 114 -2.88 12.34 -0.35
C VAL A 114 -4.34 12.07 0.02
N MET A 115 -4.64 10.84 0.39
CA MET A 115 -6.01 10.41 0.73
C MET A 115 -6.12 10.45 2.25
N ASN A 116 -6.58 11.62 2.75
CA ASN A 116 -6.46 12.03 4.16
C ASN A 116 -7.12 11.05 5.12
N THR A 117 -8.26 10.51 4.74
CA THR A 117 -9.06 9.68 5.64
C THR A 117 -8.67 8.23 5.58
N TRP A 118 -7.62 7.90 4.86
CA TRP A 118 -7.19 6.54 4.67
C TRP A 118 -5.92 6.27 5.46
N PHE A 119 -5.72 5.01 5.83
CA PHE A 119 -4.58 4.57 6.61
C PHE A 119 -3.90 3.40 5.93
N TYR A 120 -2.56 3.42 5.95
CA TYR A 120 -1.79 2.26 5.61
C TYR A 120 -1.88 1.23 6.73
N ILE A 121 -2.11 -0.02 6.34
CA ILE A 121 -2.24 -1.13 7.26
C ILE A 121 -1.72 -2.39 6.56
N THR A 122 -1.23 -3.33 7.33
CA THR A 122 -0.88 -4.64 6.80
C THR A 122 -1.29 -5.73 7.78
N TYR A 123 -1.21 -6.99 7.33
CA TYR A 123 -1.81 -8.10 8.03
C TYR A 123 -0.92 -9.32 7.99
N GLU A 124 -0.95 -10.11 9.04
CA GLU A 124 -0.16 -11.33 9.05
C GLU A 124 -0.55 -12.27 7.91
N LYS A 125 -1.83 -12.36 7.58
CA LYS A 125 -2.28 -13.27 6.52
C LYS A 125 -1.91 -12.81 5.13
N ASP A 126 -1.56 -11.53 4.95
CA ASP A 126 -1.11 -11.02 3.65
C ASP A 126 -0.29 -9.76 3.91
N PRO A 127 1.04 -9.92 4.13
CA PRO A 127 1.86 -8.81 4.62
C PRO A 127 2.34 -7.90 3.49
N VAL A 128 1.38 -7.39 2.73
CA VAL A 128 1.59 -6.34 1.76
C VAL A 128 0.83 -5.11 2.24
N LEU A 129 1.03 -4.00 1.56
CA LEU A 129 0.48 -2.73 1.97
C LEU A 129 -0.96 -2.60 1.50
N TYR A 130 -1.85 -2.34 2.45
CA TYR A 130 -3.29 -2.12 2.23
C TYR A 130 -3.64 -0.71 2.70
N MET A 131 -4.81 -0.22 2.27
CA MET A 131 -5.29 1.09 2.67
C MET A 131 -6.78 0.97 2.90
N TYR A 132 -7.24 1.42 4.07
CA TYR A 132 -8.67 1.46 4.40
C TYR A 132 -8.97 2.76 5.12
N GLN A 133 -10.26 3.12 5.16
CA GLN A 133 -10.75 4.26 5.94
C GLN A 133 -11.09 3.72 7.32
N LEU A 134 -10.05 3.58 8.14
CA LEU A 134 -10.17 2.84 9.37
C LEU A 134 -11.12 3.50 10.35
N LEU A 135 -11.32 4.82 10.30
CA LEU A 135 -12.26 5.41 11.24
C LEU A 135 -13.69 5.05 10.90
N ASP A 136 -13.99 4.84 9.62
CA ASP A 136 -15.32 4.38 9.20
C ASP A 136 -15.51 2.96 9.69
N ASP A 137 -14.54 2.08 9.43
CA ASP A 137 -14.66 0.70 9.89
C ASP A 137 -14.76 0.63 11.40
N TYR A 138 -14.00 1.47 12.10
CA TYR A 138 -14.04 1.49 13.55
C TYR A 138 -15.42 1.90 14.09
N LYS A 139 -16.01 2.96 13.51
CA LYS A 139 -17.28 3.46 14.01
C LYS A 139 -18.39 2.45 13.76
N GLU A 140 -18.22 1.58 12.77
CA GLU A 140 -19.21 0.56 12.50
C GLU A 140 -18.96 -0.73 13.26
N GLY A 141 -17.97 -0.75 14.14
CA GLY A 141 -17.71 -1.90 14.97
C GLY A 141 -16.89 -2.99 14.34
N ASP A 142 -16.15 -2.68 13.28
CA ASP A 142 -15.36 -3.66 12.57
C ASP A 142 -13.87 -3.55 12.84
N LEU A 143 -13.45 -2.79 13.83
CA LEU A 143 -12.02 -2.63 14.07
C LEU A 143 -11.77 -2.61 15.57
N ARG A 144 -11.10 -3.66 16.06
CA ARG A 144 -10.79 -3.77 17.48
C ARG A 144 -9.33 -3.34 17.64
N ILE A 145 -9.10 -2.36 18.49
CA ILE A 145 -7.75 -1.90 18.78
C ILE A 145 -7.24 -2.73 19.96
N MET A 146 -6.06 -3.38 19.77
CA MET A 146 -5.58 -4.15 20.90
C MET A 146 -4.78 -3.24 21.83
N PRO A 147 -4.80 -3.49 23.15
CA PRO A 147 -4.05 -2.67 24.11
C PRO A 147 -2.55 -2.64 23.80
N SER A 165 20.77 4.59 7.08
CA SER A 165 19.38 4.13 6.98
C SER A 165 19.23 3.02 5.95
N LEU A 166 18.34 2.04 6.18
CA LEU A 166 18.16 1.02 5.16
C LEU A 166 17.36 1.49 3.97
N VAL A 167 16.60 2.59 4.08
CA VAL A 167 15.85 3.06 2.93
C VAL A 167 16.82 3.42 1.79
N GLY A 168 16.52 2.87 0.60
CA GLY A 168 17.33 3.03 -0.56
C GLY A 168 18.26 1.87 -0.81
N LYS A 169 18.44 0.98 0.16
CA LYS A 169 19.32 -0.16 -0.05
C LYS A 169 18.66 -1.22 -0.92
N GLN A 170 19.50 -1.94 -1.62
CA GLN A 170 19.05 -3.07 -2.41
C GLN A 170 18.79 -4.24 -1.45
N VAL A 171 17.86 -5.10 -1.84
CA VAL A 171 17.54 -6.27 -1.04
C VAL A 171 17.46 -7.48 -1.97
N GLU A 172 17.85 -8.64 -1.45
CA GLU A 172 17.63 -9.89 -2.14
C GLU A 172 17.09 -10.93 -1.16
N TYR A 173 16.29 -11.87 -1.65
CA TYR A 173 16.17 -13.16 -0.95
C TYR A 173 16.15 -14.34 -1.91
N ALA A 174 16.58 -15.51 -1.41
CA ALA A 174 16.56 -16.76 -2.19
C ALA A 174 15.15 -17.30 -2.36
N LYS A 175 14.73 -17.52 -3.60
CA LYS A 175 13.41 -18.13 -3.82
C LYS A 175 13.53 -19.64 -4.06
N LYS A 180 16.95 -15.92 -7.18
CA LYS A 180 17.26 -14.69 -6.45
C LYS A 180 16.22 -13.58 -6.73
N ARG A 181 15.36 -13.26 -5.74
CA ARG A 181 14.37 -12.18 -5.85
C ARG A 181 14.97 -10.87 -5.37
N THR A 182 14.91 -9.83 -6.21
CA THR A 182 15.64 -8.60 -5.96
C THR A 182 14.65 -7.44 -5.85
N GLY A 183 15.03 -6.49 -5.02
CA GLY A 183 14.21 -5.31 -4.84
C GLY A 183 14.95 -4.20 -4.13
N MET A 184 14.17 -3.25 -3.63
CA MET A 184 14.71 -2.08 -2.96
C MET A 184 13.85 -1.75 -1.73
N VAL A 185 14.51 -1.30 -0.66
CA VAL A 185 13.80 -0.78 0.51
C VAL A 185 13.37 0.64 0.17
N ILE A 186 12.06 0.90 0.23
CA ILE A 186 11.54 2.18 -0.23
C ILE A 186 11.06 3.09 0.89
N HIS A 187 10.80 2.55 2.09
N HIS A 187 10.75 2.56 2.07
CA HIS A 187 10.27 3.36 3.18
CA HIS A 187 10.26 3.41 3.16
C HIS A 187 10.54 2.66 4.51
C HIS A 187 10.44 2.67 4.49
N GLN A 188 10.62 3.45 5.56
CA GLN A 188 10.70 2.97 6.93
C GLN A 188 9.47 3.51 7.65
N VAL A 189 8.82 2.65 8.43
CA VAL A 189 7.62 3.04 9.18
C VAL A 189 8.04 3.81 10.44
N GLU A 190 7.66 5.10 10.50
CA GLU A 190 8.07 5.95 11.62
C GLU A 190 7.65 5.37 12.96
N ALA A 191 6.43 4.85 13.03
CA ALA A 191 5.91 4.39 14.31
C ALA A 191 6.48 3.06 14.75
N LYS A 192 7.22 2.37 13.89
CA LYS A 192 7.77 1.05 14.21
C LYS A 192 9.01 0.88 13.35
N PRO A 193 10.14 1.44 13.77
CA PRO A 193 11.29 1.61 12.86
C PRO A 193 11.96 0.33 12.41
N SER A 194 11.64 -0.82 12.98
CA SER A 194 12.14 -2.07 12.41
C SER A 194 11.30 -2.55 11.23
N VAL A 195 10.22 -1.82 10.88
CA VAL A 195 9.31 -2.19 9.82
C VAL A 195 9.61 -1.34 8.60
N TYR A 196 9.73 -2.00 7.46
CA TYR A 196 10.05 -1.36 6.19
C TYR A 196 9.13 -1.85 5.08
N PHE A 197 9.01 -1.00 4.06
CA PHE A 197 8.34 -1.33 2.82
C PHE A 197 9.40 -1.66 1.77
N ILE A 198 9.18 -2.73 1.03
CA ILE A 198 10.08 -3.19 -0.02
C ILE A 198 9.30 -3.31 -1.32
N LYS A 199 9.88 -2.79 -2.40
CA LYS A 199 9.39 -3.02 -3.75
C LYS A 199 10.30 -4.03 -4.42
N PHE A 200 9.76 -5.18 -4.76
CA PHE A 200 10.50 -6.17 -5.52
C PHE A 200 10.33 -5.89 -7.00
N ASP A 201 11.39 -6.18 -7.77
CA ASP A 201 11.40 -5.92 -9.21
C ASP A 201 10.36 -6.71 -9.98
N ASP A 202 9.91 -7.82 -9.44
CA ASP A 202 9.06 -8.76 -10.15
C ASP A 202 7.59 -8.60 -9.83
N ASP A 203 7.19 -7.61 -9.04
CA ASP A 203 5.79 -7.52 -8.64
C ASP A 203 5.42 -6.07 -8.30
N PHE A 204 4.14 -5.80 -8.35
CA PHE A 204 3.62 -4.47 -8.14
C PHE A 204 2.99 -4.25 -6.76
N HIS A 205 3.00 -5.25 -5.89
CA HIS A 205 2.61 -4.99 -4.50
C HIS A 205 3.76 -4.34 -3.76
N ILE A 206 3.46 -3.76 -2.61
CA ILE A 206 4.44 -3.23 -1.69
C ILE A 206 4.50 -4.19 -0.51
N TYR A 207 5.62 -4.81 -0.28
CA TYR A 207 5.79 -5.81 0.76
C TYR A 207 6.26 -5.15 2.05
N VAL A 208 5.66 -5.57 3.16
CA VAL A 208 5.94 -4.99 4.46
C VAL A 208 6.60 -6.06 5.32
N TYR A 209 7.72 -5.71 5.96
CA TYR A 209 8.47 -6.64 6.80
C TYR A 209 8.92 -5.98 8.07
N ASP A 210 8.79 -6.70 9.18
CA ASP A 210 9.46 -6.36 10.42
C ASP A 210 10.75 -7.17 10.46
N LEU A 211 11.87 -6.47 10.39
CA LEU A 211 13.16 -7.13 10.17
C LEU A 211 13.64 -7.99 11.32
N VAL A 212 12.97 -7.96 12.49
CA VAL A 212 13.36 -8.84 13.57
C VAL A 212 12.62 -10.17 13.53
N LYS A 213 11.65 -10.34 12.65
CA LYS A 213 10.81 -11.50 12.65
C LYS A 213 11.22 -12.55 11.62
N THR A 214 10.65 -13.73 11.80
CA THR A 214 10.91 -14.85 10.91
C THR A 214 10.62 -14.51 9.46
N SER A 215 9.55 -13.76 9.22
CA SER A 215 9.16 -13.43 7.85
C SER A 215 10.31 -12.76 7.09
N ALA A 216 11.20 -12.08 7.79
CA ALA A 216 12.29 -11.32 7.18
C ALA A 216 13.62 -12.04 7.23
N GLU A 217 13.68 -13.28 7.70
CA GLU A 217 14.98 -13.88 7.98
C GLU A 217 15.77 -14.26 6.74
N ASN A 218 15.16 -14.24 5.56
CA ASN A 218 15.89 -14.53 4.33
C ASN A 218 16.17 -13.27 3.51
N LEU A 219 15.95 -12.09 4.08
CA LEU A 219 16.23 -10.83 3.39
C LEU A 219 17.62 -10.35 3.74
N TYR A 220 18.40 -10.02 2.70
CA TYR A 220 19.77 -9.53 2.85
C TYR A 220 19.88 -8.24 2.03
N PHE A 221 20.77 -7.36 2.48
CA PHE A 221 20.77 -5.96 2.02
C PHE A 221 22.16 -5.53 1.59
N GLN A 222 22.18 -4.53 0.70
CA GLN A 222 23.43 -3.96 0.20
C GLN A 222 23.22 -2.48 -0.05
#